data_3D94
#
_entry.id   3D94
#
_cell.length_a   208.182
_cell.length_b   208.182
_cell.length_c   50.853
_cell.angle_alpha   90.00
_cell.angle_beta   90.00
_cell.angle_gamma   120.00
#
_symmetry.space_group_name_H-M   'H 3 2'
#
loop_
_entity.id
_entity.type
_entity.pdbx_description
1 polymer 'Insulin-like growth factor 1 receptor beta chain'
2 non-polymer 'CALCIUM ION'
3 non-polymer 3-[cis-3-(4-methylpiperazin-1-yl)cyclobutyl]-1-(2-phenylquinolin-7-yl)imidazo[1,5-a]pyrazin-8-amine
4 water water
#
_entity_poly.entity_id   1
_entity_poly.type   'polypeptide(L)'
_entity_poly.pdbx_seq_one_letter_code
;VYVPDEWEVAREKITMSRELGQGSFGMVYEGVAKGVVKDEPETRVAIKTVNEAASMRERIEFLNEASVMKEFNCHHVVRL
LGVVSQGQPTLVIMELMTRGDLKSYLRSLRPEMENNPVLAPPSLSKMIQMAGEIADGMAYLNANKFVHRDLAARNC
(MHO)VAEDFTVKIGDFGMTRDIYETDYYRKGGKGLLPVRWMSPESLKDGVFTTYSDVWSFGVVLWEIATLAEQPYQGLS
NEQVLRFVMEGGLLDKPDNCPDMLLELMRMCWQYNPKMRPSFLEIISSIKEEMEPGFREVSFYYSEENK
;
_entity_poly.pdbx_strand_id   A
#
# COMPACT_ATOMS: atom_id res chain seq x y z
N VAL A 1 -18.05 -17.51 -2.51
CA VAL A 1 -18.96 -17.03 -3.60
C VAL A 1 -18.82 -15.54 -3.90
N TYR A 2 -18.58 -15.23 -5.18
CA TYR A 2 -18.55 -13.87 -5.67
C TYR A 2 -19.75 -13.62 -6.56
N VAL A 3 -20.41 -12.48 -6.34
CA VAL A 3 -21.56 -12.09 -7.17
C VAL A 3 -21.16 -10.97 -8.13
N PRO A 4 -21.17 -11.24 -9.45
CA PRO A 4 -20.87 -10.23 -10.47
C PRO A 4 -21.80 -9.02 -10.39
N ASP A 5 -21.26 -7.84 -10.73
CA ASP A 5 -22.00 -6.60 -10.64
C ASP A 5 -21.57 -5.60 -11.72
N GLU A 6 -21.79 -4.32 -11.46
CA GLU A 6 -21.49 -3.24 -12.41
C GLU A 6 -19.99 -3.05 -12.70
N TRP A 7 -19.14 -3.61 -11.84
CA TRP A 7 -17.67 -3.49 -11.99
C TRP A 7 -17.11 -4.50 -13.01
N GLU A 8 -17.98 -5.42 -13.46
CA GLU A 8 -17.62 -6.46 -14.44
C GLU A 8 -17.30 -5.88 -15.81
N VAL A 9 -16.17 -6.33 -16.36
CA VAL A 9 -15.68 -5.90 -17.68
C VAL A 9 -15.61 -7.12 -18.60
N ALA A 10 -16.10 -6.98 -19.83
CA ALA A 10 -15.96 -8.03 -20.85
C ALA A 10 -14.49 -8.23 -21.23
N ARG A 11 -14.06 -9.48 -21.30
CA ARG A 11 -12.65 -9.81 -21.55
C ARG A 11 -12.07 -9.28 -22.88
N GLU A 12 -12.93 -9.16 -23.89
CA GLU A 12 -12.49 -8.66 -25.22
C GLU A 12 -12.03 -7.21 -25.15
N LYS A 13 -12.51 -6.50 -24.12
CA LYS A 13 -12.13 -5.09 -23.89
C LYS A 13 -10.72 -4.94 -23.28
N ILE A 14 -10.11 -6.07 -22.94
CA ILE A 14 -8.81 -6.14 -22.28
C ILE A 14 -7.72 -6.70 -23.19
N THR A 15 -6.60 -6.00 -23.26
CA THR A 15 -5.34 -6.59 -23.74
C THR A 15 -4.26 -6.37 -22.68
N MET A 16 -3.30 -7.29 -22.64
CA MET A 16 -2.22 -7.23 -21.66
C MET A 16 -0.92 -7.26 -22.42
N SER A 17 0.08 -6.54 -21.95
CA SER A 17 1.41 -6.65 -22.53
C SER A 17 2.45 -7.12 -21.50
N ARG A 18 3.29 -6.20 -21.05
CA ARG A 18 4.45 -6.61 -20.26
C ARG A 18 4.13 -6.85 -18.78
N GLU A 19 4.89 -7.75 -18.19
CA GLU A 19 4.85 -8.04 -16.78
C GLU A 19 5.33 -6.82 -16.00
N LEU A 20 4.64 -6.53 -14.90
CA LEU A 20 5.06 -5.45 -13.99
C LEU A 20 5.56 -5.99 -12.63
N GLY A 21 5.40 -7.29 -12.43
CA GLY A 21 5.87 -7.92 -11.20
C GLY A 21 4.78 -8.67 -10.47
N GLN A 22 5.21 -9.65 -9.71
CA GLN A 22 4.35 -10.51 -8.93
C GLN A 22 3.96 -9.80 -7.63
N GLY A 23 2.69 -9.43 -7.53
CA GLY A 23 2.16 -8.87 -6.30
C GLY A 23 1.51 -9.97 -5.50
N SER A 24 0.60 -9.59 -4.60
CA SER A 24 -0.25 -10.56 -3.92
C SER A 24 -1.21 -11.20 -4.94
N PHE A 25 -1.56 -12.47 -4.70
CA PHE A 25 -2.45 -13.26 -5.56
C PHE A 25 -1.95 -13.59 -6.97
N GLY A 26 -1.02 -12.82 -7.50
CA GLY A 26 -0.44 -13.13 -8.80
C GLY A 26 0.25 -12.00 -9.55
N MET A 27 0.53 -12.29 -10.81
CA MET A 27 1.23 -11.40 -11.70
C MET A 27 0.43 -10.16 -12.11
N VAL A 28 1.12 -9.02 -12.16
CA VAL A 28 0.54 -7.78 -12.65
C VAL A 28 1.12 -7.50 -14.03
N TYR A 29 0.27 -7.05 -14.95
CA TYR A 29 0.65 -6.73 -16.33
C TYR A 29 0.22 -5.32 -16.65
N GLU A 30 1.00 -4.66 -17.52
CA GLU A 30 0.49 -3.47 -18.16
C GLU A 30 -0.49 -3.94 -19.21
N GLY A 31 -1.53 -3.15 -19.45
CA GLY A 31 -2.50 -3.48 -20.46
C GLY A 31 -3.33 -2.28 -20.85
N VAL A 32 -4.34 -2.54 -21.68
CA VAL A 32 -5.25 -1.52 -22.15
C VAL A 32 -6.67 -2.03 -21.91
N ALA A 33 -7.52 -1.17 -21.34
CA ALA A 33 -8.91 -1.49 -21.08
C ALA A 33 -9.84 -0.50 -21.78
N LYS A 34 -10.84 -1.03 -22.48
CA LYS A 34 -11.87 -0.18 -23.10
C LYS A 34 -13.06 0.07 -22.16
N GLY A 35 -13.45 1.34 -22.07
CA GLY A 35 -14.65 1.76 -21.35
C GLY A 35 -14.59 1.65 -19.84
N VAL A 36 -13.44 1.96 -19.25
CA VAL A 36 -13.28 1.87 -17.80
C VAL A 36 -13.24 3.24 -17.10
N VAL A 37 -12.80 4.26 -17.83
CA VAL A 37 -12.80 5.62 -17.32
C VAL A 37 -13.77 6.50 -18.12
N LYS A 38 -14.43 7.42 -17.40
CA LYS A 38 -15.27 8.47 -17.96
C LYS A 38 -14.52 9.27 -19.03
N ASP A 39 -15.13 9.35 -20.22
CA ASP A 39 -14.68 10.25 -21.30
C ASP A 39 -13.34 9.87 -21.94
N GLU A 40 -13.16 8.57 -22.14
CA GLU A 40 -12.06 8.04 -22.94
C GLU A 40 -12.40 6.64 -23.43
N PRO A 41 -12.37 6.44 -24.77
CA PRO A 41 -12.52 5.12 -25.39
C PRO A 41 -11.67 4.02 -24.74
N GLU A 42 -10.46 4.36 -24.30
CA GLU A 42 -9.56 3.40 -23.66
C GLU A 42 -8.54 3.98 -22.67
N THR A 43 -8.11 3.14 -21.73
CA THR A 43 -7.19 3.56 -20.68
C THR A 43 -6.09 2.52 -20.54
N ARG A 44 -4.85 2.98 -20.47
CA ARG A 44 -3.74 2.15 -20.02
C ARG A 44 -4.01 1.76 -18.57
N VAL A 45 -3.86 0.48 -18.27
CA VAL A 45 -4.24 -0.07 -16.97
C VAL A 45 -3.19 -1.02 -16.39
N ALA A 46 -3.29 -1.27 -15.09
CA ALA A 46 -2.58 -2.39 -14.49
C ALA A 46 -3.58 -3.55 -14.30
N ILE A 47 -3.22 -4.73 -14.77
CA ILE A 47 -4.07 -5.91 -14.60
C ILE A 47 -3.37 -6.99 -13.76
N LYS A 48 -3.92 -7.26 -12.58
CA LYS A 48 -3.45 -8.37 -11.73
C LYS A 48 -4.23 -9.64 -12.07
N THR A 49 -3.53 -10.75 -12.27
CA THR A 49 -4.18 -12.00 -12.64
C THR A 49 -4.03 -13.05 -11.55
N VAL A 50 -5.05 -13.89 -11.41
CA VAL A 50 -4.88 -15.14 -10.68
C VAL A 50 -4.72 -16.29 -11.68
N ASN A 51 -3.60 -17.00 -11.53
CA ASN A 51 -3.26 -18.17 -12.35
C ASN A 51 -4.42 -19.16 -12.58
N GLU A 52 -4.44 -19.77 -13.76
CA GLU A 52 -5.38 -20.85 -14.08
C GLU A 52 -5.22 -22.03 -13.12
N ALA A 53 -3.98 -22.24 -12.67
CA ALA A 53 -3.62 -23.34 -11.79
C ALA A 53 -4.12 -23.16 -10.36
N ALA A 54 -4.44 -21.92 -10.00
CA ALA A 54 -4.81 -21.58 -8.64
C ALA A 54 -6.16 -22.21 -8.24
N SER A 55 -6.32 -22.45 -6.93
CA SER A 55 -7.56 -23.02 -6.42
C SER A 55 -8.71 -22.04 -6.57
N MET A 56 -9.93 -22.58 -6.63
CA MET A 56 -11.14 -21.77 -6.70
C MET A 56 -11.24 -20.87 -5.48
N ARG A 57 -10.84 -21.41 -4.32
CA ARG A 57 -10.83 -20.65 -3.07
C ARG A 57 -9.96 -19.38 -3.15
N GLU A 58 -8.72 -19.50 -3.61
CA GLU A 58 -7.82 -18.35 -3.77
C GLU A 58 -8.46 -17.32 -4.69
N ARG A 59 -9.03 -17.84 -5.77
CA ARG A 59 -9.62 -17.08 -6.85
C ARG A 59 -10.80 -16.22 -6.36
N ILE A 60 -11.59 -16.80 -5.46
CA ILE A 60 -12.73 -16.14 -4.82
C ILE A 60 -12.28 -15.09 -3.80
N GLU A 61 -11.30 -15.45 -2.99
CA GLU A 61 -10.71 -14.51 -2.02
C GLU A 61 -10.02 -13.32 -2.68
N PHE A 62 -9.33 -13.58 -3.78
CA PHE A 62 -8.75 -12.56 -4.68
C PHE A 62 -9.78 -11.50 -4.97
N LEU A 63 -10.96 -11.93 -5.44
CA LEU A 63 -12.03 -11.04 -5.87
C LEU A 63 -12.70 -10.33 -4.71
N ASN A 64 -12.81 -11.03 -3.58
CA ASN A 64 -13.49 -10.48 -2.42
C ASN A 64 -12.65 -9.45 -1.71
N GLU A 65 -11.35 -9.73 -1.58
CA GLU A 65 -10.40 -8.76 -1.01
C GLU A 65 -10.24 -7.51 -1.89
N ALA A 66 -10.21 -7.70 -3.20
CA ALA A 66 -10.13 -6.59 -4.15
C ALA A 66 -11.41 -5.75 -4.14
N SER A 67 -12.55 -6.40 -3.93
CA SER A 67 -13.86 -5.74 -3.97
C SER A 67 -14.09 -4.68 -2.89
N VAL A 68 -13.21 -4.66 -1.89
CA VAL A 68 -13.26 -3.61 -0.86
C VAL A 68 -12.99 -2.24 -1.52
N MET A 69 -12.27 -2.27 -2.64
CA MET A 69 -11.87 -1.06 -3.35
C MET A 69 -12.98 -0.41 -4.15
N LYS A 70 -14.12 -1.11 -4.25
CA LYS A 70 -15.30 -0.59 -4.93
C LYS A 70 -15.86 0.61 -4.17
N GLU A 71 -15.64 0.65 -2.85
CA GLU A 71 -16.07 1.78 -2.02
C GLU A 71 -15.07 2.91 -2.00
N PHE A 72 -13.88 2.72 -2.54
CA PHE A 72 -12.83 3.72 -2.36
C PHE A 72 -12.81 4.71 -3.49
N ASN A 73 -12.64 5.98 -3.14
CA ASN A 73 -12.48 7.03 -4.15
C ASN A 73 -11.56 8.09 -3.61
N CYS A 74 -10.27 7.87 -3.76
CA CYS A 74 -9.30 8.78 -3.20
C CYS A 74 -8.13 8.97 -4.15
N HIS A 75 -7.70 10.22 -4.31
CA HIS A 75 -6.60 10.55 -5.21
C HIS A 75 -5.30 9.87 -4.82
N HIS A 76 -5.19 9.48 -3.56
CA HIS A 76 -3.93 8.96 -3.01
C HIS A 76 -4.02 7.49 -2.64
N VAL A 77 -5.04 6.82 -3.13
CA VAL A 77 -5.17 5.38 -3.08
C VAL A 77 -5.39 4.91 -4.53
N VAL A 78 -4.56 3.97 -4.99
CA VAL A 78 -4.69 3.42 -6.35
C VAL A 78 -6.13 2.91 -6.56
N ARG A 79 -6.77 3.35 -7.63
CA ARG A 79 -8.16 3.03 -7.89
C ARG A 79 -8.34 1.69 -8.57
N LEU A 80 -9.37 0.96 -8.15
CA LEU A 80 -9.90 -0.16 -8.91
C LEU A 80 -10.74 0.37 -10.07
N LEU A 81 -10.51 -0.17 -11.26
CA LEU A 81 -11.25 0.25 -12.44
C LEU A 81 -12.29 -0.78 -12.90
N GLY A 82 -12.02 -2.05 -12.62
CA GLY A 82 -12.91 -3.11 -13.05
C GLY A 82 -12.44 -4.49 -12.65
N VAL A 83 -13.28 -5.49 -12.95
CA VAL A 83 -13.03 -6.86 -12.58
C VAL A 83 -13.49 -7.74 -13.73
N VAL A 84 -12.78 -8.85 -13.95
CA VAL A 84 -13.22 -9.92 -14.86
C VAL A 84 -13.27 -11.23 -14.05
N SER A 85 -14.48 -11.57 -13.62
CA SER A 85 -14.74 -12.73 -12.75
C SER A 85 -15.20 -13.96 -13.54
N GLN A 86 -15.44 -13.77 -14.83
CA GLN A 86 -15.86 -14.86 -15.69
C GLN A 86 -14.68 -15.31 -16.53
N GLY A 87 -14.43 -16.61 -16.58
CA GLY A 87 -13.37 -17.17 -17.39
C GLY A 87 -12.02 -17.13 -16.71
N GLN A 88 -11.00 -17.53 -17.47
CA GLN A 88 -9.64 -17.62 -16.98
C GLN A 88 -8.72 -16.82 -17.88
N PRO A 89 -7.75 -16.08 -17.31
CA PRO A 89 -7.51 -15.87 -15.87
C PRO A 89 -8.48 -14.89 -15.20
N THR A 90 -8.71 -15.04 -13.90
CA THR A 90 -9.43 -14.03 -13.12
C THR A 90 -8.58 -12.75 -13.02
N LEU A 91 -9.19 -11.62 -13.35
CA LEU A 91 -8.46 -10.34 -13.49
C LEU A 91 -9.05 -9.28 -12.58
N VAL A 92 -8.16 -8.49 -11.99
CA VAL A 92 -8.50 -7.22 -11.34
C VAL A 92 -7.85 -6.07 -12.14
N ILE A 93 -8.66 -5.13 -12.62
CA ILE A 93 -8.18 -3.98 -13.41
C ILE A 93 -7.98 -2.75 -12.54
N MET A 94 -6.77 -2.18 -12.56
CA MET A 94 -6.51 -1.01 -11.73
C MET A 94 -5.86 0.17 -12.47
N GLU A 95 -5.93 1.34 -11.83
CA GLU A 95 -5.23 2.51 -12.25
C GLU A 95 -3.74 2.19 -12.41
N LEU A 96 -3.18 2.55 -13.56
CA LEU A 96 -1.79 2.24 -13.85
C LEU A 96 -0.88 3.24 -13.18
N MET A 97 0.04 2.73 -12.36
CA MET A 97 1.06 3.54 -11.70
C MET A 97 2.36 3.35 -12.46
N THR A 98 2.63 4.29 -13.36
CA THR A 98 3.64 4.12 -14.41
C THR A 98 5.08 4.21 -13.90
N ARG A 99 5.29 4.72 -12.69
CA ARG A 99 6.66 4.71 -12.15
C ARG A 99 6.94 3.57 -11.19
N GLY A 100 5.98 2.64 -11.07
CA GLY A 100 6.16 1.46 -10.22
C GLY A 100 6.13 1.75 -8.72
N ASP A 101 6.61 0.79 -7.96
CA ASP A 101 6.56 0.89 -6.50
C ASP A 101 7.58 1.88 -5.94
N LEU A 102 7.23 2.51 -4.82
CA LEU A 102 8.09 3.49 -4.17
C LEU A 102 9.47 2.98 -3.72
N LYS A 103 9.56 1.75 -3.24
CA LYS A 103 10.86 1.19 -2.84
C LYS A 103 11.86 1.21 -4.00
N SER A 104 11.45 0.65 -5.16
CA SER A 104 12.28 0.57 -6.36
C SER A 104 12.65 1.97 -6.87
N TYR A 105 11.66 2.86 -6.84
CA TYR A 105 11.88 4.25 -7.17
C TYR A 105 12.94 4.88 -6.25
N LEU A 106 12.83 4.66 -4.94
CA LEU A 106 13.82 5.17 -4.02
C LEU A 106 15.20 4.62 -4.29
N ARG A 107 15.31 3.32 -4.52
CA ARG A 107 16.60 2.67 -4.83
C ARG A 107 17.24 3.31 -6.05
N SER A 108 16.41 3.71 -7.02
CA SER A 108 16.90 4.25 -8.28
C SER A 108 17.60 5.62 -8.16
N LEU A 109 17.40 6.29 -7.01
CA LEU A 109 18.03 7.60 -6.80
C LEU A 109 19.36 7.48 -6.08
N ARG A 110 19.76 6.27 -5.73
CA ARG A 110 20.94 6.07 -4.88
C ARG A 110 22.31 6.41 -5.53
N PRO A 122 15.63 12.42 -2.18
CA PRO A 122 15.13 13.69 -2.71
C PRO A 122 15.34 14.87 -1.75
N SER A 123 14.78 16.03 -2.09
CA SER A 123 14.85 17.22 -1.23
C SER A 123 13.77 17.20 -0.16
N LEU A 124 13.95 18.03 0.87
CA LEU A 124 13.01 18.12 1.99
C LEU A 124 11.58 18.43 1.51
N SER A 125 11.46 19.31 0.53
CA SER A 125 10.16 19.63 -0.05
C SER A 125 9.47 18.40 -0.71
N LYS A 126 10.25 17.59 -1.40
CA LYS A 126 9.75 16.41 -2.09
C LYS A 126 9.47 15.26 -1.12
N MET A 127 10.35 15.09 -0.13
CA MET A 127 10.15 14.14 0.95
C MET A 127 8.87 14.38 1.72
N ILE A 128 8.60 15.65 2.05
CA ILE A 128 7.38 16.04 2.78
C ILE A 128 6.12 15.89 1.95
N GLN A 129 6.18 16.17 0.66
CA GLN A 129 5.02 16.00 -0.22
C GLN A 129 4.63 14.52 -0.29
N MET A 130 5.62 13.64 -0.44
CA MET A 130 5.41 12.18 -0.42
C MET A 130 4.76 11.74 0.90
N ALA A 131 5.39 12.09 2.01
CA ALA A 131 4.84 11.90 3.37
C ALA A 131 3.36 12.22 3.48
N GLY A 132 2.99 13.44 3.06
CA GLY A 132 1.61 13.89 3.17
C GLY A 132 0.66 13.18 2.24
N GLU A 133 1.13 12.83 1.06
CA GLU A 133 0.35 12.04 0.09
C GLU A 133 0.03 10.66 0.65
N ILE A 134 1.05 9.97 1.17
CA ILE A 134 0.89 8.65 1.80
C ILE A 134 -0.05 8.74 3.02
N ALA A 135 0.20 9.70 3.90
CA ALA A 135 -0.66 9.92 5.09
C ALA A 135 -2.10 10.21 4.72
N ASP A 136 -2.31 10.93 3.62
CA ASP A 136 -3.65 11.25 3.13
C ASP A 136 -4.42 10.03 2.61
N GLY A 137 -3.73 9.19 1.83
CA GLY A 137 -4.31 7.93 1.37
C GLY A 137 -4.66 7.05 2.55
N MET A 138 -3.76 7.00 3.52
CA MET A 138 -3.98 6.23 4.74
C MET A 138 -5.08 6.80 5.65
N ALA A 139 -5.11 8.12 5.81
CA ALA A 139 -6.18 8.78 6.54
C ALA A 139 -7.51 8.40 5.90
N TYR A 140 -7.58 8.44 4.56
CA TYR A 140 -8.78 8.04 3.84
C TYR A 140 -9.23 6.59 4.14
N LEU A 141 -8.29 5.63 4.05
CA LEU A 141 -8.58 4.22 4.25
C LEU A 141 -9.03 3.93 5.67
N ASN A 142 -8.27 4.46 6.63
CA ASN A 142 -8.59 4.37 8.04
C ASN A 142 -9.97 4.97 8.38
N ALA A 143 -10.37 6.03 7.69
CA ALA A 143 -11.69 6.65 7.91
C ALA A 143 -12.79 5.80 7.30
N ASN A 144 -12.41 4.99 6.31
CA ASN A 144 -13.36 4.07 5.72
C ASN A 144 -13.32 2.69 6.36
N LYS A 145 -12.77 2.65 7.58
CA LYS A 145 -12.76 1.46 8.45
C LYS A 145 -11.81 0.36 7.98
N PHE A 146 -10.88 0.74 7.09
CA PHE A 146 -9.94 -0.20 6.48
C PHE A 146 -8.55 -0.06 7.09
N VAL A 147 -8.03 -1.17 7.59
CA VAL A 147 -6.65 -1.26 8.05
C VAL A 147 -5.88 -1.95 6.93
N HIS A 148 -4.76 -1.34 6.50
CA HIS A 148 -3.97 -1.83 5.37
C HIS A 148 -3.20 -3.10 5.72
N ARG A 149 -2.50 -3.05 6.85
CA ARG A 149 -1.73 -4.18 7.42
C ARG A 149 -0.37 -4.44 6.77
N ASP A 150 -0.12 -3.82 5.61
CA ASP A 150 1.14 -4.03 4.89
C ASP A 150 1.67 -2.74 4.24
N LEU A 151 1.55 -1.62 4.96
CA LEU A 151 2.11 -0.37 4.48
C LEU A 151 3.63 -0.47 4.56
N ALA A 152 4.26 -0.27 3.41
CA ALA A 152 5.71 -0.35 3.22
C ALA A 152 5.94 0.39 1.90
N ALA A 153 7.15 0.87 1.67
CA ALA A 153 7.47 1.54 0.40
C ALA A 153 7.22 0.63 -0.82
N ARG A 154 7.50 -0.68 -0.69
CA ARG A 154 7.18 -1.66 -1.76
C ARG A 154 5.70 -1.66 -2.16
N ASN A 155 4.83 -1.20 -1.26
CA ASN A 155 3.37 -1.21 -1.47
C ASN A 155 2.78 0.20 -1.62
N CYS A 156 3.66 1.18 -1.74
CA CYS A 156 3.26 2.50 -2.22
C CYS A 156 3.69 2.57 -3.67
N VAL A 158 4.06 4.98 -7.47
CA VAL A 158 4.38 6.32 -8.01
C VAL A 158 3.73 6.53 -9.37
N ALA A 159 2.95 7.61 -9.46
CA ALA A 159 2.23 7.97 -10.70
C ALA A 159 3.13 8.67 -11.73
N GLU A 160 2.60 8.88 -12.93
CA GLU A 160 3.25 9.65 -13.99
C GLU A 160 3.86 10.96 -13.48
N ASP A 161 3.06 11.73 -12.73
CA ASP A 161 3.50 13.01 -12.18
C ASP A 161 4.19 12.94 -10.81
N PHE A 162 4.66 11.74 -10.43
CA PHE A 162 5.40 11.50 -9.17
C PHE A 162 4.56 11.54 -7.86
N THR A 163 3.24 11.61 -7.99
CA THR A 163 2.33 11.51 -6.87
C THR A 163 2.42 10.08 -6.29
N VAL A 164 2.59 9.98 -4.97
CA VAL A 164 2.61 8.67 -4.30
C VAL A 164 1.19 8.30 -3.87
N LYS A 165 0.85 7.02 -4.05
CA LYS A 165 -0.47 6.51 -3.70
C LYS A 165 -0.33 5.17 -2.99
N ILE A 166 -1.35 4.82 -2.21
CA ILE A 166 -1.37 3.56 -1.45
C ILE A 166 -1.74 2.38 -2.35
N GLY A 167 -0.90 1.36 -2.35
CA GLY A 167 -1.15 0.18 -3.17
C GLY A 167 -1.43 -1.12 -2.41
N ASP A 168 -0.88 -2.20 -2.95
CA ASP A 168 -1.18 -3.58 -2.58
C ASP A 168 -1.33 -3.82 -1.08
N PHE A 169 -2.54 -4.18 -0.67
CA PHE A 169 -2.82 -4.64 0.71
C PHE A 169 -3.00 -6.16 0.82
N GLY A 170 -2.88 -6.87 -0.29
CA GLY A 170 -3.22 -8.30 -0.30
C GLY A 170 -2.21 -9.29 0.28
N MET A 171 -0.96 -8.89 0.43
CA MET A 171 0.10 -9.84 0.84
C MET A 171 -0.14 -10.63 2.12
N THR A 172 -0.81 -10.02 3.10
CA THR A 172 -1.09 -10.69 4.37
C THR A 172 -2.41 -11.45 4.29
N ARG A 173 -3.21 -11.15 3.26
CA ARG A 173 -4.53 -11.76 3.11
C ARG A 173 -4.48 -12.97 2.15
N ASP A 174 -3.45 -13.00 1.31
CA ASP A 174 -3.19 -14.11 0.43
C ASP A 174 -2.40 -15.20 1.16
N ILE A 175 -3.14 -16.19 1.67
CA ILE A 175 -2.57 -17.34 2.40
C ILE A 175 -2.56 -18.61 1.55
N TYR A 176 -2.67 -18.45 0.24
CA TYR A 176 -2.91 -19.57 -0.67
C TYR A 176 -1.74 -19.88 -1.57
N GLU A 177 -1.24 -21.11 -1.44
CA GLU A 177 -0.21 -21.62 -2.31
C GLU A 177 -0.85 -22.87 -2.92
N THR A 178 -0.64 -23.11 -4.21
CA THR A 178 -1.52 -24.03 -4.95
C THR A 178 -1.39 -25.52 -4.53
N ASP A 179 -0.16 -26.01 -4.42
CA ASP A 179 0.10 -27.42 -4.10
C ASP A 179 0.87 -27.57 -2.79
N TYR A 180 1.01 -26.47 -2.06
CA TYR A 180 1.66 -26.45 -0.76
C TYR A 180 0.76 -25.81 0.29
N TYR A 181 0.95 -26.24 1.53
CA TYR A 181 0.09 -25.86 2.61
C TYR A 181 0.96 -25.75 3.86
N ARG A 182 0.87 -24.58 4.51
CA ARG A 182 1.63 -24.33 5.75
C ARG A 182 0.83 -24.90 6.91
N LYS A 183 1.53 -25.62 7.79
CA LYS A 183 0.92 -26.45 8.84
C LYS A 183 -0.38 -25.92 9.49
N GLY A 184 -0.29 -24.75 10.14
CA GLY A 184 -1.45 -24.15 10.81
C GLY A 184 -2.46 -23.53 9.87
N GLY A 185 -1.98 -22.98 8.75
CA GLY A 185 -2.83 -22.32 7.74
C GLY A 185 -2.59 -20.82 7.66
N LYS A 186 -1.65 -20.33 8.47
CA LYS A 186 -1.37 -18.90 8.59
C LYS A 186 -0.58 -18.38 7.38
N GLY A 187 -0.21 -17.10 7.40
CA GLY A 187 0.47 -16.49 6.26
C GLY A 187 1.79 -15.82 6.56
N LEU A 188 2.25 -15.09 5.55
CA LEU A 188 3.45 -14.25 5.61
C LEU A 188 3.15 -12.97 6.38
N LEU A 189 4.06 -12.59 7.27
CA LEU A 189 3.95 -11.33 8.03
C LEU A 189 5.15 -10.41 7.80
N PRO A 190 4.90 -9.10 7.53
CA PRO A 190 5.98 -8.14 7.23
C PRO A 190 6.71 -7.60 8.47
N VAL A 191 7.44 -8.47 9.16
CA VAL A 191 7.92 -8.18 10.54
C VAL A 191 8.76 -6.91 10.75
N ARG A 192 9.50 -6.47 9.74
CA ARG A 192 10.32 -5.26 9.85
C ARG A 192 9.50 -3.96 9.73
N TRP A 193 8.23 -4.09 9.36
CA TRP A 193 7.30 -2.97 9.26
C TRP A 193 6.22 -2.99 10.35
N MET A 194 6.23 -4.03 11.19
CA MET A 194 5.17 -4.22 12.18
C MET A 194 5.49 -3.63 13.56
N SER A 195 4.42 -3.22 14.24
CA SER A 195 4.50 -2.63 15.57
C SER A 195 4.78 -3.69 16.63
N PRO A 196 5.29 -3.26 17.80
CA PRO A 196 5.57 -4.22 18.87
C PRO A 196 4.33 -5.05 19.24
N GLU A 197 3.16 -4.43 19.30
CA GLU A 197 1.95 -5.16 19.65
C GLU A 197 1.46 -6.16 18.58
N SER A 198 1.70 -5.84 17.31
CA SER A 198 1.34 -6.73 16.20
C SER A 198 2.29 -7.93 16.11
N LEU A 199 3.56 -7.70 16.39
CA LEU A 199 4.54 -8.78 16.52
C LEU A 199 4.14 -9.76 17.64
N LYS A 200 3.63 -9.23 18.74
CA LYS A 200 3.16 -10.04 19.87
C LYS A 200 1.93 -10.91 19.55
N ASP A 201 0.83 -10.31 19.10
CA ASP A 201 -0.44 -11.07 18.93
C ASP A 201 -1.00 -11.20 17.51
N GLY A 202 -0.29 -10.64 16.53
CA GLY A 202 -0.69 -10.69 15.13
C GLY A 202 -1.93 -9.89 14.74
N VAL A 203 -2.45 -9.05 15.63
CA VAL A 203 -3.56 -8.18 15.21
C VAL A 203 -3.07 -6.79 14.73
N PHE A 204 -3.72 -6.29 13.69
CA PHE A 204 -3.33 -5.04 13.07
C PHE A 204 -4.40 -4.01 13.31
N THR A 205 -3.99 -2.78 13.54
CA THR A 205 -4.92 -1.70 13.76
C THR A 205 -4.48 -0.47 12.99
N THR A 206 -5.39 0.49 12.96
CA THR A 206 -5.14 1.88 12.63
C THR A 206 -3.80 2.38 13.20
N TYR A 207 -3.52 2.03 14.46
CA TYR A 207 -2.32 2.49 15.16
C TYR A 207 -1.05 1.80 14.65
N SER A 208 -1.17 0.52 14.27
CA SER A 208 -0.04 -0.23 13.72
C SER A 208 0.26 0.18 12.26
N ASP A 209 -0.76 0.69 11.56
CA ASP A 209 -0.56 1.30 10.22
C ASP A 209 0.29 2.53 10.35
N VAL A 210 0.05 3.31 11.40
CA VAL A 210 0.82 4.52 11.70
C VAL A 210 2.25 4.17 12.03
N TRP A 211 2.46 3.08 12.78
CA TRP A 211 3.79 2.54 13.03
C TRP A 211 4.53 2.30 11.70
N SER A 212 3.85 1.62 10.77
CA SER A 212 4.43 1.30 9.45
C SER A 212 4.75 2.55 8.64
N PHE A 213 3.87 3.55 8.74
CA PHE A 213 4.12 4.87 8.14
C PHE A 213 5.47 5.48 8.54
N GLY A 214 5.82 5.42 9.82
CA GLY A 214 7.15 5.83 10.27
C GLY A 214 8.27 5.08 9.59
N VAL A 215 8.11 3.76 9.44
CA VAL A 215 9.06 2.92 8.70
C VAL A 215 9.18 3.37 7.23
N VAL A 216 8.05 3.71 6.61
CA VAL A 216 8.05 4.26 5.25
C VAL A 216 8.83 5.59 5.15
N LEU A 217 8.63 6.49 6.12
CA LEU A 217 9.40 7.74 6.19
C LEU A 217 10.91 7.47 6.30
N TRP A 218 11.27 6.53 7.16
CA TRP A 218 12.66 6.04 7.29
C TRP A 218 13.17 5.46 5.98
N GLU A 219 12.31 4.73 5.25
CA GLU A 219 12.67 4.18 3.95
C GLU A 219 12.90 5.32 2.96
N ILE A 220 11.99 6.31 2.96
CA ILE A 220 12.18 7.52 2.16
C ILE A 220 13.52 8.23 2.51
N ALA A 221 13.79 8.41 3.82
CA ALA A 221 14.98 9.13 4.27
C ALA A 221 16.31 8.39 4.01
N THR A 222 16.27 7.08 3.83
CA THR A 222 17.49 6.29 3.60
C THR A 222 17.60 5.80 2.16
N LEU A 223 16.72 6.29 1.29
CA LEU A 223 16.57 5.78 -0.08
C LEU A 223 16.38 4.25 -0.13
N ALA A 224 15.42 3.76 0.66
CA ALA A 224 15.04 2.35 0.71
C ALA A 224 16.17 1.43 1.18
N GLU A 225 16.72 1.74 2.35
CA GLU A 225 17.59 0.80 3.04
C GLU A 225 16.71 -0.30 3.62
N GLN A 226 17.30 -1.45 3.90
CA GLN A 226 16.58 -2.50 4.61
C GLN A 226 16.43 -2.15 6.09
N PRO A 227 15.18 -2.09 6.60
CA PRO A 227 14.98 -1.85 8.02
C PRO A 227 15.68 -2.92 8.85
N TYR A 228 16.36 -2.51 9.94
CA TYR A 228 17.12 -3.39 10.81
C TYR A 228 18.13 -4.20 9.99
N GLN A 229 18.81 -3.47 9.11
CA GLN A 229 19.79 -3.97 8.17
C GLN A 229 20.63 -5.18 8.65
N GLY A 230 21.17 -5.12 9.85
CA GLY A 230 22.12 -6.16 10.26
C GLY A 230 21.59 -7.34 11.06
N LEU A 231 20.28 -7.41 11.21
CA LEU A 231 19.64 -8.38 12.11
C LEU A 231 18.79 -9.40 11.35
N SER A 232 18.82 -10.63 11.83
CA SER A 232 17.99 -11.70 11.29
C SER A 232 16.53 -11.41 11.66
N ASN A 233 15.59 -12.19 11.11
CA ASN A 233 14.17 -11.97 11.39
C ASN A 233 13.81 -12.23 12.84
N GLU A 234 14.47 -13.22 13.44
CA GLU A 234 14.24 -13.57 14.83
C GLU A 234 14.78 -12.47 15.75
N GLN A 235 15.91 -11.88 15.37
CA GLN A 235 16.50 -10.77 16.11
C GLN A 235 15.68 -9.48 16.05
N VAL A 236 15.00 -9.25 14.92
CA VAL A 236 14.11 -8.11 14.73
C VAL A 236 12.89 -8.22 15.63
N LEU A 237 12.32 -9.40 15.73
CA LEU A 237 11.18 -9.66 16.62
C LEU A 237 11.48 -9.22 18.04
N ARG A 238 12.61 -9.73 18.56
CA ARG A 238 13.07 -9.47 19.91
C ARG A 238 13.34 -7.98 20.10
N PHE A 239 14.27 -7.44 19.32
CA PHE A 239 14.66 -6.04 19.32
C PHE A 239 13.47 -5.06 19.40
N VAL A 240 12.51 -5.20 18.49
CA VAL A 240 11.37 -4.28 18.39
C VAL A 240 10.39 -4.44 19.56
N MET A 241 10.12 -5.69 19.95
CA MET A 241 9.25 -6.00 21.10
C MET A 241 9.81 -5.54 22.46
N GLU A 242 11.12 -5.31 22.51
CA GLU A 242 11.81 -4.80 23.67
C GLU A 242 12.02 -3.29 23.59
N GLY A 243 11.28 -2.63 22.68
CA GLY A 243 11.33 -1.19 22.53
C GLY A 243 12.45 -0.67 21.65
N GLY A 244 13.13 -1.57 20.93
CA GLY A 244 14.21 -1.20 20.00
C GLY A 244 13.68 -0.42 18.81
N LEU A 245 14.48 0.51 18.29
CA LEU A 245 14.06 1.44 17.27
C LEU A 245 15.11 1.57 16.19
N LEU A 246 14.66 1.98 15.00
CA LEU A 246 15.51 2.20 13.84
C LEU A 246 16.44 3.39 14.06
N ASP A 247 17.68 3.24 13.61
CA ASP A 247 18.67 4.34 13.64
C ASP A 247 18.15 5.53 12.87
N LYS A 248 18.49 6.74 13.32
CA LYS A 248 18.08 7.93 12.59
C LYS A 248 18.95 8.12 11.35
N PRO A 249 18.30 8.31 10.18
CA PRO A 249 19.01 8.42 8.90
C PRO A 249 19.97 9.61 8.87
N ASP A 250 21.05 9.47 8.09
CA ASP A 250 22.01 10.55 7.90
C ASP A 250 21.34 11.72 7.21
N ASN A 251 21.63 12.94 7.69
CA ASN A 251 21.10 14.18 7.12
C ASN A 251 19.58 14.17 6.94
N CYS A 252 18.89 13.53 7.87
CA CYS A 252 17.44 13.49 7.84
C CYS A 252 16.95 14.77 8.48
N PRO A 253 16.16 15.56 7.72
CA PRO A 253 15.58 16.79 8.27
C PRO A 253 14.82 16.49 9.56
N ASP A 254 14.88 17.43 10.51
CA ASP A 254 14.31 17.23 11.84
C ASP A 254 12.83 16.89 11.84
N MET A 255 12.08 17.49 10.91
CA MET A 255 10.64 17.27 10.82
C MET A 255 10.26 15.81 10.57
N LEU A 256 10.99 15.14 9.68
CA LEU A 256 10.71 13.74 9.39
C LEU A 256 11.22 12.85 10.49
N LEU A 257 12.30 13.26 11.14
CA LEU A 257 12.80 12.59 12.35
C LEU A 257 11.78 12.64 13.49
N GLU A 258 11.17 13.80 13.67
CA GLU A 258 10.14 14.02 14.67
C GLU A 258 8.92 13.15 14.40
N LEU A 259 8.54 13.06 13.12
CA LEU A 259 7.39 12.25 12.72
C LEU A 259 7.62 10.76 12.95
N MET A 260 8.79 10.25 12.56
CA MET A 260 9.13 8.84 12.80
C MET A 260 8.98 8.52 14.27
N ARG A 261 9.55 9.37 15.11
CA ARG A 261 9.59 9.14 16.54
C ARG A 261 8.19 9.12 17.16
N MET A 262 7.31 10.02 16.72
CA MET A 262 5.92 9.98 17.17
CA MET A 262 5.89 10.01 17.13
C MET A 262 5.20 8.71 16.71
N CYS A 263 5.50 8.25 15.49
CA CYS A 263 4.89 7.06 14.91
C CYS A 263 5.33 5.79 15.62
N TRP A 264 6.51 5.84 16.23
CA TRP A 264 7.14 4.70 16.90
C TRP A 264 7.03 4.74 18.44
N GLN A 265 5.98 5.37 18.95
CA GLN A 265 5.71 5.30 20.37
C GLN A 265 5.30 3.86 20.64
N TYR A 266 5.88 3.27 21.67
CA TYR A 266 5.64 1.86 22.01
C TYR A 266 4.15 1.60 22.24
N ASN A 267 3.51 2.52 22.95
CA ASN A 267 2.09 2.45 23.24
C ASN A 267 1.27 2.99 22.06
N PRO A 268 0.49 2.13 21.41
CA PRO A 268 -0.31 2.45 20.21
C PRO A 268 -1.13 3.73 20.33
N LYS A 269 -1.70 3.97 21.52
CA LYS A 269 -2.60 5.11 21.78
C LYS A 269 -1.85 6.42 21.85
N MET A 270 -0.52 6.36 21.90
CA MET A 270 0.30 7.55 22.00
C MET A 270 0.85 8.05 20.64
N ARG A 271 0.61 7.29 19.58
CA ARG A 271 0.97 7.66 18.20
C ARG A 271 -0.08 8.62 17.64
N PRO A 272 0.33 9.56 16.76
CA PRO A 272 -0.68 10.42 16.15
C PRO A 272 -1.55 9.62 15.18
N SER A 273 -2.76 10.11 14.92
CA SER A 273 -3.54 9.62 13.78
C SER A 273 -2.94 10.17 12.49
N PHE A 274 -3.39 9.64 11.35
CA PHE A 274 -2.95 10.12 10.05
C PHE A 274 -3.41 11.54 9.75
N LEU A 275 -4.61 11.89 10.21
CA LEU A 275 -5.14 13.24 10.08
C LEU A 275 -4.30 14.26 10.83
N GLU A 276 -3.82 13.84 12.00
CA GLU A 276 -2.93 14.66 12.83
C GLU A 276 -1.55 14.80 12.22
N ILE A 277 -1.07 13.75 11.56
CA ILE A 277 0.21 13.81 10.87
C ILE A 277 0.14 14.85 9.75
N ILE A 278 -0.96 14.84 8.99
CA ILE A 278 -1.12 15.74 7.85
C ILE A 278 -1.22 17.17 8.36
N SER A 279 -2.04 17.33 9.40
CA SER A 279 -2.26 18.60 10.10
C SER A 279 -0.95 19.30 10.47
N SER A 280 0.03 18.52 10.92
CA SER A 280 1.32 19.06 11.35
C SER A 280 2.31 19.39 10.22
N ILE A 281 1.99 18.97 9.00
CA ILE A 281 2.86 19.22 7.86
C ILE A 281 2.14 19.91 6.70
N LYS A 282 0.90 20.36 6.92
CA LYS A 282 0.10 20.93 5.84
C LYS A 282 0.66 22.22 5.22
N GLU A 283 1.41 22.99 6.03
CA GLU A 283 2.07 24.22 5.57
C GLU A 283 3.17 23.92 4.56
N GLU A 284 3.63 22.67 4.54
CA GLU A 284 4.72 22.24 3.66
C GLU A 284 4.26 21.59 2.35
N MET A 285 2.95 21.39 2.18
CA MET A 285 2.41 20.73 1.00
C MET A 285 2.21 21.68 -0.18
N GLU A 286 2.25 21.15 -1.40
CA GLU A 286 1.82 21.87 -2.60
C GLU A 286 0.41 22.41 -2.43
N PRO A 287 0.17 23.66 -2.90
CA PRO A 287 -1.19 24.22 -3.00
C PRO A 287 -2.18 23.25 -3.64
N GLY A 288 -1.71 22.43 -4.57
CA GLY A 288 -2.54 21.45 -5.26
C GLY A 288 -3.21 20.44 -4.34
N PHE A 289 -2.48 20.05 -3.27
CA PHE A 289 -2.96 19.11 -2.25
C PHE A 289 -4.36 19.45 -1.71
N ARG A 290 -4.64 20.73 -1.54
CA ARG A 290 -5.94 21.22 -1.06
C ARG A 290 -7.11 20.82 -1.99
N GLU A 291 -6.83 20.61 -3.27
CA GLU A 291 -7.88 20.27 -4.22
C GLU A 291 -8.11 18.77 -4.39
N VAL A 292 -7.05 17.98 -4.22
CA VAL A 292 -7.13 16.53 -4.47
C VAL A 292 -7.18 15.65 -3.21
N SER A 293 -6.70 16.16 -2.08
CA SER A 293 -6.61 15.37 -0.86
C SER A 293 -7.95 15.06 -0.20
N PHE A 294 -7.99 13.97 0.54
CA PHE A 294 -9.13 13.64 1.38
C PHE A 294 -9.18 14.60 2.58
N TYR A 295 -8.00 14.96 3.08
CA TYR A 295 -7.86 15.87 4.23
C TYR A 295 -8.72 17.14 4.12
N TYR A 296 -8.53 17.92 3.06
CA TYR A 296 -9.33 19.12 2.81
C TYR A 296 -10.68 18.86 2.14
N SER A 297 -11.01 17.59 1.90
CA SER A 297 -12.25 17.26 1.18
C SER A 297 -13.50 17.50 2.04
N GLU A 298 -14.65 17.51 1.36
CA GLU A 298 -15.97 17.56 1.99
C GLU A 298 -16.21 16.34 2.87
N GLU A 299 -15.76 15.18 2.40
CA GLU A 299 -15.81 13.91 3.16
C GLU A 299 -15.20 14.03 4.55
N ASN A 300 -14.08 14.73 4.65
CA ASN A 300 -13.44 14.99 5.93
C ASN A 300 -14.06 16.20 6.63
#